data_8UKM
#
_entry.id   8UKM
#
_cell.length_a   1.00
_cell.length_b   1.00
_cell.length_c   1.00
_cell.angle_alpha   90.00
_cell.angle_beta   90.00
_cell.angle_gamma   90.00
#
_symmetry.space_group_name_H-M   'P 1'
#
loop_
_entity.id
_entity.type
_entity.pdbx_description
1 polymer T33-ml30-redesigned-tandem-BMC-T-fold
2 polymer T33-ml30-redesigned-4-OT-fold
#
loop_
_entity_poly.entity_id
_entity_poly.type
_entity_poly.pdbx_seq_one_letter_code
_entity_poly.pdbx_strand_id
1 'polypeptide(L)'
;MGPDEPERPALLILELKSYARGVRVADAALKAAPVRLLKCKIVEPGKALIMLTGRPEDVEKAYKAALTVANKGSGNLIDS
VFIPAIHPALLPFLLEETPAPPLEDPDRALLFVEVKTVAAAIRAADAALRAAPVELVRMRLSEHIGGKAVFALVGDPADV
LRAAAVVAEVAGDQLLDIAIIPRPHPALLGREFF
;
A
2 'polypeptide(L)'
;MPMLVVYVPEGYSEAQKRALLFRLAAAVVEATGTPLENVRIILTTYAPADVLLGGAIGVPLVVILVYLLEGLSPEQKAAL
VKALTAAAAEALGVDPENIRVILVPVPPENFGVGNGKTAAEAGGSHHWGGHHHHHH
;
B
#
# COMPACT_ATOMS: atom_id res chain seq x y z
N ARG A 8 -12.56 12.47 -14.45
CA ARG A 8 -12.48 11.55 -13.32
C ARG A 8 -13.82 10.88 -13.05
N PRO A 9 -14.05 9.73 -13.67
CA PRO A 9 -15.29 8.98 -13.43
C PRO A 9 -15.29 8.29 -12.09
N ALA A 10 -16.42 7.69 -11.72
CA ALA A 10 -16.58 7.00 -10.44
C ALA A 10 -16.72 5.50 -10.68
N LEU A 11 -16.72 4.74 -9.59
CA LEU A 11 -16.86 3.30 -9.66
C LEU A 11 -17.59 2.81 -8.42
N LEU A 12 -18.27 1.66 -8.58
CA LEU A 12 -18.90 0.98 -7.45
C LEU A 12 -18.64 -0.52 -7.60
N ILE A 13 -18.21 -1.13 -6.51
CA ILE A 13 -17.79 -2.53 -6.49
C ILE A 13 -18.57 -3.26 -5.40
N LEU A 14 -19.03 -4.47 -5.72
CA LEU A 14 -19.84 -5.26 -4.80
C LEU A 14 -19.34 -6.70 -4.81
N GLU A 15 -18.88 -7.17 -3.65
CA GLU A 15 -18.41 -8.53 -3.45
C GLU A 15 -19.41 -9.24 -2.55
N LEU A 16 -20.11 -10.23 -3.10
CA LEU A 16 -21.15 -10.91 -2.36
C LEU A 16 -20.95 -12.42 -2.40
N LYS A 17 -21.56 -13.10 -1.42
CA LYS A 17 -21.52 -14.55 -1.33
C LYS A 17 -22.82 -15.19 -1.82
N SER A 18 -23.96 -14.68 -1.37
CA SER A 18 -25.26 -15.10 -1.89
C SER A 18 -25.41 -14.43 -3.24
N TYR A 19 -24.90 -15.08 -4.29
CA TYR A 19 -24.80 -14.45 -5.59
C TYR A 19 -26.15 -14.22 -6.25
N ALA A 20 -27.16 -15.02 -5.92
CA ALA A 20 -28.51 -14.67 -6.33
C ALA A 20 -28.95 -13.38 -5.67
N ARG A 21 -28.62 -13.21 -4.39
CA ARG A 21 -28.87 -11.93 -3.74
C ARG A 21 -28.07 -10.82 -4.40
N GLY A 22 -26.88 -11.14 -4.91
CA GLY A 22 -26.13 -10.15 -5.67
C GLY A 22 -26.85 -9.76 -6.95
N VAL A 23 -27.42 -10.74 -7.64
CA VAL A 23 -28.25 -10.45 -8.81
C VAL A 23 -29.37 -9.51 -8.40
N ARG A 24 -30.03 -9.82 -7.28
CA ARG A 24 -31.16 -9.01 -6.83
C ARG A 24 -30.73 -7.59 -6.54
N VAL A 25 -29.61 -7.42 -5.85
CA VAL A 25 -29.17 -6.08 -5.49
C VAL A 25 -28.74 -5.30 -6.73
N ALA A 26 -28.13 -5.98 -7.70
CA ALA A 26 -27.79 -5.32 -8.95
C ALA A 26 -29.04 -4.86 -9.67
N ASP A 27 -30.06 -5.73 -9.72
CA ASP A 27 -31.31 -5.34 -10.36
C ASP A 27 -31.91 -4.13 -9.67
N ALA A 28 -31.93 -4.12 -8.34
CA ALA A 28 -32.49 -2.97 -7.62
C ALA A 28 -31.68 -1.71 -7.89
N ALA A 29 -30.36 -1.84 -7.92
CA ALA A 29 -29.51 -0.68 -8.16
C ALA A 29 -29.82 -0.07 -9.52
N LEU A 30 -30.01 -0.90 -10.54
CA LEU A 30 -30.37 -0.32 -11.82
C LEU A 30 -31.84 0.05 -11.90
N LYS A 31 -32.69 -0.47 -11.00
CA LYS A 31 -34.04 0.06 -10.87
C LYS A 31 -33.97 1.53 -10.51
N ALA A 32 -33.15 1.85 -9.52
CA ALA A 32 -33.05 3.23 -9.07
C ALA A 32 -32.41 4.12 -10.13
N ALA A 33 -31.33 3.66 -10.74
CA ALA A 33 -30.49 4.55 -11.52
C ALA A 33 -30.23 4.00 -12.91
N PRO A 34 -29.99 4.88 -13.90
CA PRO A 34 -29.55 4.46 -15.24
C PRO A 34 -28.03 4.25 -15.32
N VAL A 35 -27.48 3.54 -14.35
CA VAL A 35 -26.04 3.30 -14.28
C VAL A 35 -25.71 2.08 -15.13
N ARG A 36 -24.71 2.20 -15.99
CA ARG A 36 -24.32 1.11 -16.85
C ARG A 36 -23.67 -0.01 -16.03
N LEU A 37 -23.68 -1.21 -16.60
CA LEU A 37 -23.09 -2.39 -15.97
C LEU A 37 -21.75 -2.71 -16.61
N LEU A 38 -20.76 -3.01 -15.77
CA LEU A 38 -19.45 -3.43 -16.24
C LEU A 38 -19.28 -4.95 -16.18
N LYS A 39 -19.60 -5.55 -15.04
CA LYS A 39 -19.51 -7.00 -14.90
C LYS A 39 -20.33 -7.40 -13.68
N CYS A 40 -21.29 -8.29 -13.88
CA CYS A 40 -22.04 -8.93 -12.79
C CYS A 40 -21.83 -10.43 -12.97
N LYS A 41 -20.70 -10.92 -12.46
CA LYS A 41 -20.30 -12.30 -12.75
C LYS A 41 -19.76 -12.97 -11.50
N ILE A 42 -19.87 -14.27 -11.47
CA ILE A 42 -19.29 -15.06 -10.38
C ILE A 42 -17.88 -15.45 -10.77
N VAL A 43 -17.01 -15.56 -9.76
CA VAL A 43 -15.61 -15.90 -9.95
C VAL A 43 -15.20 -16.89 -8.88
N GLU A 44 -14.00 -17.44 -9.05
CA GLU A 44 -13.44 -18.35 -8.06
C GLU A 44 -13.19 -17.59 -6.76
N PRO A 45 -13.47 -18.21 -5.60
CA PRO A 45 -13.99 -19.56 -5.39
C PRO A 45 -15.50 -19.59 -5.25
N GLY A 46 -16.23 -18.88 -6.11
CA GLY A 46 -17.67 -18.87 -6.03
C GLY A 46 -18.23 -17.64 -5.37
N LYS A 47 -17.69 -16.47 -5.72
CA LYS A 47 -18.14 -15.21 -5.15
C LYS A 47 -18.61 -14.30 -6.29
N ALA A 48 -19.67 -13.56 -6.03
CA ALA A 48 -20.26 -12.66 -7.02
C ALA A 48 -19.56 -11.31 -6.97
N LEU A 49 -19.15 -10.83 -8.14
CA LEU A 49 -18.49 -9.54 -8.29
C LEU A 49 -19.34 -8.66 -9.20
N ILE A 50 -19.57 -7.44 -8.76
CA ILE A 50 -20.40 -6.46 -9.47
C ILE A 50 -19.61 -5.17 -9.61
N MET A 51 -19.53 -4.65 -10.83
CA MET A 51 -18.87 -3.38 -11.09
C MET A 51 -19.81 -2.46 -11.87
N LEU A 52 -19.97 -1.23 -11.38
CA LEU A 52 -20.85 -0.25 -11.99
C LEU A 52 -20.15 1.10 -12.09
N THR A 53 -20.55 1.91 -13.07
CA THR A 53 -20.00 3.25 -13.21
C THR A 53 -21.03 4.18 -13.82
N GLY A 54 -20.86 5.47 -13.57
CA GLY A 54 -21.78 6.46 -14.09
C GLY A 54 -21.54 7.83 -13.48
N ARG A 55 -22.59 8.65 -13.45
CA ARG A 55 -22.49 9.99 -12.91
C ARG A 55 -22.24 9.92 -11.39
N PRO A 56 -21.43 10.84 -10.84
CA PRO A 56 -21.09 10.77 -9.41
C PRO A 56 -22.29 10.69 -8.49
N GLU A 57 -23.20 11.66 -8.56
CA GLU A 57 -24.36 11.64 -7.68
C GLU A 57 -25.26 10.46 -7.96
N ASP A 58 -25.41 10.11 -9.24
CA ASP A 58 -26.22 8.95 -9.62
C ASP A 58 -25.65 7.67 -9.02
N VAL A 59 -24.34 7.48 -9.19
CA VAL A 59 -23.68 6.31 -8.62
C VAL A 59 -23.85 6.29 -7.11
N GLU A 60 -23.71 7.45 -6.47
CA GLU A 60 -23.78 7.50 -5.00
C GLU A 60 -25.15 7.12 -4.49
N LYS A 61 -26.21 7.69 -5.07
CA LYS A 61 -27.55 7.39 -4.61
C LYS A 61 -27.93 5.94 -4.92
N ALA A 62 -27.51 5.44 -6.08
CA ALA A 62 -27.70 4.03 -6.36
C ALA A 62 -26.97 3.19 -5.33
N TYR A 63 -25.82 3.66 -4.87
CA TYR A 63 -25.02 2.91 -3.91
C TYR A 63 -25.73 2.81 -2.58
N LYS A 64 -26.26 3.93 -2.09
CA LYS A 64 -26.95 3.82 -0.81
C LYS A 64 -28.23 3.02 -0.94
N ALA A 65 -28.91 3.13 -2.09
CA ALA A 65 -30.08 2.28 -2.31
C ALA A 65 -29.69 0.81 -2.25
N ALA A 66 -28.58 0.44 -2.90
CA ALA A 66 -28.13 -0.94 -2.89
C ALA A 66 -27.73 -1.38 -1.49
N LEU A 67 -27.10 -0.49 -0.73
CA LEU A 67 -26.73 -0.81 0.64
C LEU A 67 -27.97 -1.11 1.47
N THR A 68 -29.00 -0.28 1.34
CA THR A 68 -30.25 -0.53 2.04
C THR A 68 -30.87 -1.85 1.61
N VAL A 69 -30.82 -2.15 0.31
CA VAL A 69 -31.48 -3.36 -0.19
C VAL A 69 -30.77 -4.60 0.32
N ALA A 70 -29.43 -4.62 0.25
CA ALA A 70 -28.67 -5.83 0.53
C ALA A 70 -28.34 -6.01 2.01
N ASN A 71 -28.68 -5.04 2.87
CA ASN A 71 -28.45 -5.14 4.31
C ASN A 71 -26.96 -5.35 4.61
N LYS A 72 -26.19 -4.33 4.26
CA LYS A 72 -24.75 -4.35 4.53
C LYS A 72 -24.47 -4.54 6.02
N GLY A 73 -23.49 -5.39 6.32
CA GLY A 73 -23.11 -5.66 7.68
C GLY A 73 -23.65 -6.93 8.27
N SER A 74 -24.55 -7.62 7.58
CA SER A 74 -25.14 -8.86 8.08
C SER A 74 -24.36 -10.10 7.68
N GLY A 75 -23.24 -9.94 6.98
CA GLY A 75 -22.41 -11.05 6.57
C GLY A 75 -22.55 -11.44 5.12
N ASN A 76 -23.62 -11.00 4.44
CA ASN A 76 -23.78 -11.33 3.03
C ASN A 76 -22.81 -10.56 2.16
N LEU A 77 -22.36 -9.40 2.62
CA LEU A 77 -21.51 -8.51 1.82
C LEU A 77 -20.07 -8.63 2.33
N ILE A 78 -19.19 -9.21 1.51
CA ILE A 78 -17.79 -9.28 1.90
C ILE A 78 -17.18 -7.89 1.96
N ASP A 79 -17.39 -7.09 0.91
CA ASP A 79 -16.84 -5.75 0.85
C ASP A 79 -17.63 -4.94 -0.16
N SER A 80 -17.78 -3.65 0.14
CA SER A 80 -18.39 -2.70 -0.78
C SER A 80 -17.54 -1.44 -0.76
N VAL A 81 -17.02 -1.06 -1.92
CA VAL A 81 -16.10 0.07 -2.04
C VAL A 81 -16.71 1.08 -3.00
N PHE A 82 -16.80 2.32 -2.55
CA PHE A 82 -17.27 3.43 -3.37
C PHE A 82 -16.11 4.38 -3.64
N ILE A 83 -16.08 4.96 -4.83
CA ILE A 83 -15.01 5.87 -5.20
C ILE A 83 -15.53 6.88 -6.23
N PRO A 84 -15.34 8.18 -6.00
CA PRO A 84 -15.87 9.16 -6.95
C PRO A 84 -14.95 9.44 -8.12
N ALA A 85 -13.63 9.33 -7.89
CA ALA A 85 -12.64 9.68 -8.90
C ALA A 85 -11.71 8.50 -9.11
N ILE A 86 -11.54 8.11 -10.37
CA ILE A 86 -10.78 6.92 -10.73
C ILE A 86 -9.74 7.29 -11.78
N HIS A 87 -8.64 6.55 -11.79
CA HIS A 87 -7.50 6.92 -12.61
C HIS A 87 -7.72 6.49 -14.06
N PRO A 88 -7.23 7.27 -15.03
CA PRO A 88 -7.41 6.88 -16.44
C PRO A 88 -6.85 5.52 -16.78
N ALA A 89 -5.62 5.22 -16.35
CA ALA A 89 -4.98 3.96 -16.71
C ALA A 89 -5.73 2.76 -16.15
N LEU A 90 -6.61 2.98 -15.17
CA LEU A 90 -7.41 1.88 -14.65
C LEU A 90 -8.33 1.30 -15.72
N LEU A 91 -8.95 2.18 -16.52
CA LEU A 91 -9.96 1.73 -17.48
C LEU A 91 -9.44 0.69 -18.45
N PRO A 92 -8.29 0.86 -19.12
CA PRO A 92 -7.78 -0.23 -19.96
C PRO A 92 -7.52 -1.51 -19.19
N PHE A 93 -7.07 -1.41 -17.94
CA PHE A 93 -6.87 -2.62 -17.13
C PHE A 93 -8.19 -3.24 -16.72
N LEU A 94 -9.13 -2.43 -16.22
CA LEU A 94 -10.37 -2.99 -15.70
C LEU A 94 -11.21 -3.60 -16.81
N LEU A 95 -11.37 -2.89 -17.93
CA LEU A 95 -12.27 -3.36 -18.97
C LEU A 95 -11.81 -4.69 -19.56
N GLU A 96 -10.51 -4.83 -19.81
CA GLU A 96 -9.96 -6.03 -20.42
C GLU A 96 -8.50 -6.14 -20.03
N GLU A 97 -7.94 -7.32 -20.25
CA GLU A 97 -6.51 -7.53 -19.99
C GLU A 97 -5.72 -6.79 -21.06
N THR A 98 -5.26 -5.58 -20.74
CA THR A 98 -4.51 -4.77 -21.68
C THR A 98 -3.04 -4.79 -21.30
N PRO A 99 -2.17 -5.43 -22.09
CA PRO A 99 -0.75 -5.46 -21.74
C PRO A 99 -0.13 -4.07 -21.80
N ALA A 100 0.56 -3.71 -20.72
CA ALA A 100 1.23 -2.42 -20.67
C ALA A 100 2.47 -2.42 -21.56
N PRO A 101 2.91 -1.25 -22.02
CA PRO A 101 4.14 -1.19 -22.80
C PRO A 101 5.31 -1.65 -21.96
N PRO A 102 6.29 -2.30 -22.58
CA PRO A 102 7.45 -2.79 -21.81
C PRO A 102 8.25 -1.64 -21.20
N LEU A 103 8.89 -1.94 -20.08
CA LEU A 103 9.69 -0.94 -19.39
C LEU A 103 10.84 -0.46 -20.26
N GLU A 104 11.04 0.86 -20.28
CA GLU A 104 12.07 1.45 -21.11
C GLU A 104 13.36 1.77 -20.35
N ASP A 105 13.31 1.83 -19.03
CA ASP A 105 14.49 2.12 -18.21
C ASP A 105 14.76 0.95 -17.28
N PRO A 106 15.88 0.24 -17.42
CA PRO A 106 16.13 -0.92 -16.55
C PRO A 106 16.27 -0.54 -15.09
N ASP A 107 16.57 0.71 -14.78
CA ASP A 107 16.77 1.11 -13.39
C ASP A 107 15.48 1.05 -12.56
N ARG A 108 14.32 1.04 -13.20
CA ARG A 108 13.06 1.09 -12.47
C ARG A 108 12.86 -0.19 -11.66
N ALA A 109 12.83 -0.04 -10.34
CA ALA A 109 12.55 -1.18 -9.47
C ALA A 109 11.08 -1.56 -9.56
N LEU A 110 10.78 -2.76 -9.09
CA LEU A 110 9.44 -3.35 -9.22
C LEU A 110 8.84 -3.61 -7.84
N LEU A 111 7.52 -3.51 -7.78
CA LEU A 111 6.75 -3.68 -6.56
C LEU A 111 5.62 -4.66 -6.85
N PHE A 112 5.35 -5.56 -5.90
CA PHE A 112 4.27 -6.52 -6.09
C PHE A 112 3.54 -6.69 -4.77
N VAL A 113 2.22 -6.85 -4.85
CA VAL A 113 1.36 -6.95 -3.68
C VAL A 113 0.39 -8.10 -3.86
N GLU A 114 -0.31 -8.42 -2.77
CA GLU A 114 -1.34 -9.46 -2.79
C GLU A 114 -2.24 -9.27 -1.58
N VAL A 115 -3.53 -9.11 -1.84
CA VAL A 115 -4.54 -9.03 -0.79
C VAL A 115 -5.65 -10.02 -1.12
N LYS A 116 -6.46 -10.33 -0.10
CA LYS A 116 -7.43 -11.41 -0.25
C LYS A 116 -8.63 -11.00 -1.09
N THR A 117 -9.07 -9.74 -0.99
CA THR A 117 -10.30 -9.30 -1.63
C THR A 117 -10.02 -8.25 -2.69
N VAL A 118 -10.74 -8.36 -3.80
CA VAL A 118 -10.50 -7.49 -4.96
C VAL A 118 -10.93 -6.05 -4.65
N ALA A 119 -12.05 -5.88 -3.94
CA ALA A 119 -12.54 -4.55 -3.65
C ALA A 119 -11.48 -3.73 -2.91
N ALA A 120 -10.95 -4.29 -1.82
CA ALA A 120 -9.88 -3.59 -1.11
C ALA A 120 -8.63 -3.50 -1.96
N ALA A 121 -8.40 -4.46 -2.86
CA ALA A 121 -7.24 -4.38 -3.73
C ALA A 121 -7.27 -3.12 -4.57
N ILE A 122 -8.39 -2.88 -5.25
CA ILE A 122 -8.47 -1.69 -6.10
C ILE A 122 -8.62 -0.45 -5.25
N ARG A 123 -9.17 -0.56 -4.04
CA ARG A 123 -9.18 0.58 -3.14
C ARG A 123 -7.77 1.02 -2.81
N ALA A 124 -6.90 0.07 -2.48
CA ALA A 124 -5.50 0.39 -2.22
C ALA A 124 -4.82 0.91 -3.47
N ALA A 125 -5.15 0.33 -4.63
CA ALA A 125 -4.57 0.81 -5.88
C ALA A 125 -4.90 2.28 -6.10
N ASP A 126 -6.17 2.64 -5.96
CA ASP A 126 -6.58 4.03 -6.15
C ASP A 126 -5.95 4.94 -5.11
N ALA A 127 -5.88 4.48 -3.86
CA ALA A 127 -5.26 5.29 -2.83
C ALA A 127 -3.79 5.56 -3.15
N ALA A 128 -3.07 4.53 -3.61
CA ALA A 128 -1.68 4.71 -3.99
C ALA A 128 -1.55 5.66 -5.16
N LEU A 129 -2.42 5.52 -6.16
CA LEU A 129 -2.36 6.41 -7.33
C LEU A 129 -2.60 7.86 -6.93
N ARG A 130 -3.59 8.11 -6.07
CA ARG A 130 -3.83 9.47 -5.61
C ARG A 130 -2.64 9.99 -4.81
N ALA A 131 -2.10 9.17 -3.91
CA ALA A 131 -1.00 9.60 -3.06
C ALA A 131 0.33 9.60 -3.81
N ALA A 132 0.54 8.64 -4.71
CA ALA A 132 1.83 8.46 -5.35
C ALA A 132 1.67 8.39 -6.86
N PRO A 133 2.45 9.18 -7.62
CA PRO A 133 2.47 9.07 -9.10
C PRO A 133 3.25 7.84 -9.58
N VAL A 134 2.55 6.72 -9.65
CA VAL A 134 3.13 5.45 -10.08
C VAL A 134 2.21 4.87 -11.16
N GLU A 135 2.77 3.96 -11.95
CA GLU A 135 2.11 3.46 -13.16
C GLU A 135 2.00 1.94 -13.09
N LEU A 136 0.80 1.44 -13.37
CA LEU A 136 0.54 0.00 -13.37
C LEU A 136 1.14 -0.65 -14.61
N VAL A 137 1.48 -1.93 -14.48
CA VAL A 137 2.04 -2.68 -15.61
C VAL A 137 1.20 -3.91 -15.90
N ARG A 138 1.14 -4.84 -14.93
CA ARG A 138 0.36 -6.06 -15.07
C ARG A 138 -0.64 -6.15 -13.93
N MET A 139 -1.80 -6.74 -14.22
CA MET A 139 -2.87 -6.81 -13.23
C MET A 139 -3.73 -8.02 -13.58
N ARG A 140 -4.36 -8.59 -12.55
CA ARG A 140 -5.24 -9.74 -12.72
C ARG A 140 -6.23 -9.78 -11.57
N LEU A 141 -7.49 -10.10 -11.89
CA LEU A 141 -8.57 -10.07 -10.92
C LEU A 141 -9.38 -11.35 -10.98
N SER A 142 -9.35 -12.11 -9.88
CA SER A 142 -10.36 -13.10 -9.52
C SER A 142 -10.60 -14.16 -10.58
N GLU A 143 -9.71 -14.31 -11.56
CA GLU A 143 -9.89 -15.30 -12.62
C GLU A 143 -8.76 -16.30 -12.56
N HIS A 144 -9.10 -17.58 -12.46
CA HIS A 144 -8.13 -18.67 -12.36
C HIS A 144 -7.14 -18.41 -11.24
N ILE A 145 -7.66 -17.91 -10.12
CA ILE A 145 -6.80 -17.48 -9.02
C ILE A 145 -7.26 -18.00 -7.66
N GLY A 146 -8.48 -18.50 -7.52
CA GLY A 146 -8.96 -18.88 -6.21
C GLY A 146 -9.43 -17.73 -5.35
N GLY A 147 -9.71 -16.57 -5.95
CA GLY A 147 -10.22 -15.43 -5.22
C GLY A 147 -9.23 -14.31 -5.01
N LYS A 148 -7.94 -14.54 -5.24
CA LYS A 148 -6.94 -13.50 -5.02
C LYS A 148 -6.97 -12.50 -6.16
N ALA A 149 -6.01 -11.57 -6.13
CA ALA A 149 -5.89 -10.56 -7.16
C ALA A 149 -4.48 -9.98 -7.08
N VAL A 150 -3.92 -9.60 -8.23
CA VAL A 150 -2.56 -9.11 -8.29
C VAL A 150 -2.50 -7.85 -9.13
N PHE A 151 -1.51 -7.02 -8.86
CA PHE A 151 -1.16 -5.91 -9.74
C PHE A 151 0.25 -5.46 -9.41
N ALA A 152 1.08 -5.31 -10.44
CA ALA A 152 2.48 -4.96 -10.27
C ALA A 152 2.70 -3.48 -10.57
N LEU A 153 3.70 -2.91 -9.91
CA LEU A 153 4.05 -1.51 -10.11
C LEU A 153 5.53 -1.41 -10.42
N VAL A 154 5.92 -0.34 -11.10
CA VAL A 154 7.32 -0.08 -11.43
C VAL A 154 7.62 1.39 -11.18
N GLY A 155 8.90 1.69 -11.02
CA GLY A 155 9.31 3.08 -11.04
C GLY A 155 10.56 3.31 -10.21
N ASP A 156 10.74 4.58 -9.86
CA ASP A 156 11.92 5.03 -9.13
C ASP A 156 11.99 4.39 -7.75
N PRO A 157 13.20 4.11 -7.26
CA PRO A 157 13.33 3.56 -5.89
C PRO A 157 12.56 4.32 -4.85
N ALA A 158 12.74 5.64 -4.76
CA ALA A 158 12.03 6.42 -3.76
C ALA A 158 10.51 6.35 -3.97
N ASP A 159 10.07 6.54 -5.22
CA ASP A 159 8.65 6.48 -5.51
C ASP A 159 8.09 5.10 -5.22
N VAL A 160 8.82 4.05 -5.61
CA VAL A 160 8.34 2.69 -5.38
C VAL A 160 8.22 2.42 -3.89
N LEU A 161 9.22 2.83 -3.11
CA LEU A 161 9.18 2.56 -1.68
C LEU A 161 8.05 3.33 -0.98
N ARG A 162 7.87 4.61 -1.33
CA ARG A 162 6.77 5.35 -0.71
C ARG A 162 5.42 4.79 -1.12
N ALA A 163 5.29 4.33 -2.37
CA ALA A 163 4.05 3.69 -2.80
C ALA A 163 3.83 2.40 -2.03
N ALA A 164 4.89 1.64 -1.77
CA ALA A 164 4.76 0.44 -0.97
C ALA A 164 4.25 0.76 0.43
N ALA A 165 4.81 1.81 1.04
CA ALA A 165 4.35 2.22 2.36
C ALA A 165 2.87 2.58 2.33
N VAL A 166 2.47 3.36 1.33
CA VAL A 166 1.08 3.80 1.26
C VAL A 166 0.15 2.60 1.06
N VAL A 167 0.52 1.69 0.17
CA VAL A 167 -0.36 0.56 -0.12
C VAL A 167 -0.45 -0.36 1.08
N ALA A 168 0.65 -0.54 1.81
CA ALA A 168 0.60 -1.34 3.02
C ALA A 168 -0.34 -0.70 4.04
N GLU A 169 -0.21 0.62 4.22
CA GLU A 169 -1.06 1.33 5.17
C GLU A 169 -2.53 1.17 4.81
N VAL A 170 -2.87 1.34 3.53
CA VAL A 170 -4.27 1.27 3.13
C VAL A 170 -4.79 -0.16 3.23
N ALA A 171 -4.01 -1.13 2.77
CA ALA A 171 -4.47 -2.52 2.77
C ALA A 171 -4.69 -3.02 4.19
N GLY A 172 -3.74 -2.75 5.09
CA GLY A 172 -3.88 -3.23 6.45
C GLY A 172 -4.00 -4.74 6.50
N ASP A 173 -4.97 -5.23 7.29
CA ASP A 173 -5.17 -6.65 7.46
C ASP A 173 -5.62 -7.34 6.17
N GLN A 174 -6.17 -6.60 5.21
CA GLN A 174 -6.53 -7.22 3.94
C GLN A 174 -5.30 -7.78 3.22
N LEU A 175 -4.13 -7.23 3.51
CA LEU A 175 -2.92 -7.67 2.83
C LEU A 175 -2.62 -9.13 3.15
N LEU A 176 -2.16 -9.86 2.13
CA LEU A 176 -1.69 -11.23 2.29
C LEU A 176 -0.21 -11.39 2.02
N ASP A 177 0.36 -10.56 1.14
CA ASP A 177 1.79 -10.65 0.88
C ASP A 177 2.23 -9.38 0.15
N ILE A 178 3.54 -9.11 0.22
CA ILE A 178 4.14 -7.98 -0.48
C ILE A 178 5.58 -8.35 -0.78
N ALA A 179 6.12 -7.79 -1.87
CA ALA A 179 7.49 -8.07 -2.25
C ALA A 179 8.01 -6.93 -3.12
N ILE A 180 9.34 -6.79 -3.11
CA ILE A 180 10.03 -5.73 -3.85
C ILE A 180 11.18 -6.35 -4.63
N ILE A 181 11.23 -6.06 -5.93
CA ILE A 181 12.32 -6.52 -6.79
C ILE A 181 13.24 -5.32 -7.03
N PRO A 182 14.49 -5.37 -6.60
CA PRO A 182 15.38 -4.21 -6.76
C PRO A 182 15.73 -3.94 -8.20
N ARG A 183 16.21 -4.96 -8.92
CA ARG A 183 16.73 -4.75 -10.25
C ARG A 183 16.40 -5.89 -11.20
N PRO A 184 15.91 -5.59 -12.39
CA PRO A 184 15.80 -6.59 -13.45
C PRO A 184 17.03 -6.60 -14.34
N HIS A 185 17.19 -7.68 -15.08
CA HIS A 185 18.14 -7.68 -16.19
C HIS A 185 17.52 -8.49 -17.31
N PRO A 186 17.97 -8.30 -18.56
CA PRO A 186 17.20 -8.77 -19.72
C PRO A 186 16.66 -10.19 -19.63
N ALA A 187 17.27 -11.08 -18.85
CA ALA A 187 16.70 -12.41 -18.71
C ALA A 187 15.35 -12.38 -17.99
N LEU A 188 15.06 -11.30 -17.26
CA LEU A 188 13.71 -11.10 -16.75
C LEU A 188 13.15 -9.74 -17.14
N LEU A 189 13.94 -8.84 -17.69
CA LEU A 189 13.43 -7.56 -18.14
C LEU A 189 12.49 -7.80 -19.31
N GLY A 190 11.19 -7.74 -19.05
CA GLY A 190 10.20 -8.14 -20.02
C GLY A 190 9.84 -9.60 -19.83
N ARG A 191 10.72 -10.33 -19.15
CA ARG A 191 10.50 -11.75 -18.83
C ARG A 191 10.37 -11.94 -17.32
N GLU A 192 9.96 -10.90 -16.62
CA GLU A 192 9.74 -10.96 -15.17
C GLU A 192 8.62 -11.93 -14.83
N MET B 3 24.35 -0.21 9.14
CA MET B 3 23.57 -0.88 10.17
C MET B 3 22.63 0.10 10.86
N LEU B 4 21.38 -0.31 10.99
CA LEU B 4 20.38 0.43 11.75
C LEU B 4 19.79 -0.47 12.82
N VAL B 5 19.65 0.07 14.02
CA VAL B 5 18.93 -0.61 15.09
C VAL B 5 17.94 0.36 15.71
N VAL B 6 16.68 -0.02 15.74
CA VAL B 6 15.61 0.84 16.23
C VAL B 6 14.93 0.17 17.41
N TYR B 7 14.89 0.85 18.54
CA TYR B 7 14.20 0.34 19.71
C TYR B 7 12.82 0.98 19.79
N VAL B 8 11.80 0.13 19.88
CA VAL B 8 10.40 0.56 19.84
C VAL B 8 9.59 -0.13 20.93
N PRO B 9 8.46 0.44 21.35
CA PRO B 9 7.59 -0.27 22.28
C PRO B 9 6.82 -1.38 21.59
N GLU B 10 6.22 -2.25 22.40
CA GLU B 10 5.45 -3.37 21.92
C GLU B 10 3.97 -2.99 21.87
N GLY B 11 3.26 -3.56 20.90
CA GLY B 11 1.85 -3.29 20.76
C GLY B 11 1.51 -2.63 19.44
N TYR B 12 2.28 -2.96 18.40
CA TYR B 12 2.12 -2.35 17.09
C TYR B 12 1.76 -3.42 16.07
N SER B 13 0.82 -3.09 15.19
CA SER B 13 0.34 -4.05 14.20
C SER B 13 1.45 -4.39 13.21
N GLU B 14 1.39 -5.61 12.67
CA GLU B 14 2.38 -6.03 11.68
C GLU B 14 2.37 -5.09 10.49
N ALA B 15 1.19 -4.63 10.07
CA ALA B 15 1.11 -3.66 9.00
C ALA B 15 1.85 -2.38 9.38
N GLN B 16 1.72 -1.96 10.64
CA GLN B 16 2.33 -0.69 11.05
C GLN B 16 3.84 -0.74 10.94
N LYS B 17 4.47 -1.75 11.55
CA LYS B 17 5.92 -1.83 11.47
C LYS B 17 6.39 -2.16 10.07
N ARG B 18 5.58 -2.89 9.29
CA ARG B 18 5.93 -3.14 7.90
C ARG B 18 6.03 -1.84 7.11
N ALA B 19 4.99 -1.00 7.22
CA ALA B 19 5.02 0.30 6.57
C ALA B 19 6.15 1.16 7.11
N LEU B 20 6.44 1.03 8.41
CA LEU B 20 7.54 1.76 9.00
C LEU B 20 8.86 1.37 8.35
N LEU B 21 9.06 0.08 8.15
CA LEU B 21 10.27 -0.39 7.48
C LEU B 21 10.37 0.18 6.07
N PHE B 22 9.28 0.10 5.31
CA PHE B 22 9.33 0.60 3.95
C PHE B 22 9.64 2.10 3.93
N ARG B 23 8.99 2.86 4.80
CA ARG B 23 9.18 4.31 4.77
C ARG B 23 10.59 4.69 5.23
N LEU B 24 11.11 3.99 6.23
CA LEU B 24 12.48 4.26 6.68
C LEU B 24 13.48 3.95 5.57
N ALA B 25 13.29 2.83 4.87
CA ALA B 25 14.17 2.51 3.76
C ALA B 25 14.08 3.59 2.69
N ALA B 26 12.85 4.04 2.38
CA ALA B 26 12.66 5.10 1.40
C ALA B 26 13.44 6.35 1.79
N ALA B 27 13.27 6.79 3.03
CA ALA B 27 13.93 8.01 3.47
C ALA B 27 15.44 7.88 3.40
N VAL B 28 15.97 6.74 3.87
CA VAL B 28 17.42 6.55 3.86
C VAL B 28 17.94 6.60 2.43
N VAL B 29 17.31 5.84 1.54
CA VAL B 29 17.80 5.76 0.16
C VAL B 29 17.73 7.12 -0.51
N GLU B 30 16.62 7.83 -0.36
CA GLU B 30 16.48 9.11 -1.04
C GLU B 30 17.42 10.15 -0.46
N ALA B 31 17.76 10.05 0.82
CA ALA B 31 18.59 11.08 1.42
C ALA B 31 20.07 10.84 1.15
N THR B 32 20.57 9.65 1.46
CA THR B 32 21.99 9.38 1.25
C THR B 32 22.31 8.95 -0.17
N GLY B 33 21.31 8.68 -1.00
CA GLY B 33 21.56 8.31 -2.37
C GLY B 33 22.19 6.95 -2.57
N THR B 34 22.14 6.08 -1.54
CA THR B 34 22.73 4.78 -1.81
C THR B 34 21.70 3.85 -2.43
N PRO B 35 22.15 2.87 -3.22
CA PRO B 35 21.22 1.87 -3.75
C PRO B 35 20.67 0.99 -2.63
N LEU B 36 19.56 0.31 -2.95
CA LEU B 36 18.97 -0.62 -2.00
C LEU B 36 19.91 -1.77 -1.65
N GLU B 37 20.93 -2.00 -2.47
CA GLU B 37 21.79 -3.16 -2.29
C GLU B 37 22.65 -3.05 -1.03
N ASN B 38 22.88 -1.84 -0.53
CA ASN B 38 23.74 -1.64 0.63
C ASN B 38 23.01 -1.04 1.82
N VAL B 39 21.68 -1.05 1.84
CA VAL B 39 20.91 -0.47 2.93
C VAL B 39 20.29 -1.58 3.77
N ARG B 40 20.67 -1.63 5.05
CA ARG B 40 20.21 -2.65 5.97
C ARG B 40 19.57 -1.99 7.18
N ILE B 41 18.45 -2.54 7.64
CA ILE B 41 17.73 -1.98 8.78
C ILE B 41 17.29 -3.11 9.70
N ILE B 42 17.38 -2.87 11.00
CA ILE B 42 17.01 -3.84 12.03
C ILE B 42 16.35 -3.10 13.17
N LEU B 43 15.32 -3.70 13.75
CA LEU B 43 14.68 -3.09 14.91
C LEU B 43 14.10 -4.16 15.83
N THR B 44 13.90 -3.77 17.09
CA THR B 44 13.37 -4.63 18.12
C THR B 44 12.55 -3.82 19.09
N THR B 45 11.75 -4.54 19.90
CA THR B 45 10.84 -3.93 20.83
C THR B 45 11.25 -4.22 22.27
N TYR B 46 10.71 -3.42 23.18
CA TYR B 46 10.95 -3.56 24.61
C TYR B 46 9.62 -3.51 25.36
N ALA B 47 9.63 -4.04 26.58
CA ALA B 47 8.42 -4.10 27.37
C ALA B 47 7.94 -2.71 27.74
N PRO B 48 6.62 -2.47 27.75
CA PRO B 48 6.12 -1.16 28.18
C PRO B 48 6.46 -0.81 29.61
N ALA B 49 6.47 -1.79 30.51
CA ALA B 49 6.77 -1.57 31.92
C ALA B 49 8.26 -1.58 32.20
N ASP B 50 9.07 -1.31 31.18
CA ASP B 50 10.50 -1.56 31.21
C ASP B 50 11.33 -0.27 31.12
N VAL B 51 10.80 0.78 30.50
CA VAL B 51 11.58 1.97 30.19
C VAL B 51 11.10 3.13 31.05
N LEU B 52 12.02 4.07 31.31
CA LEU B 52 11.71 5.33 31.98
C LEU B 52 11.95 6.48 31.02
N LEU B 53 11.09 7.48 31.10
CA LEU B 53 11.18 8.67 30.24
C LEU B 53 10.94 9.90 31.11
N GLY B 54 12.01 10.43 31.71
CA GLY B 54 11.94 11.66 32.47
C GLY B 54 11.02 11.61 33.68
N GLY B 55 11.16 10.56 34.50
CA GLY B 55 10.31 10.39 35.65
C GLY B 55 8.98 9.72 35.36
N ALA B 56 8.74 9.35 34.11
CA ALA B 56 7.53 8.63 33.73
C ALA B 56 7.93 7.24 33.24
N ILE B 57 7.11 6.25 33.59
CA ILE B 57 7.35 4.86 33.21
C ILE B 57 6.12 4.35 32.48
N GLY B 58 6.34 3.71 31.33
CA GLY B 58 5.27 3.17 30.52
C GLY B 58 4.93 4.01 29.31
N VAL B 59 5.33 5.27 29.28
CA VAL B 59 5.10 6.11 28.10
C VAL B 59 5.99 5.62 26.97
N PRO B 60 5.54 5.65 25.72
CA PRO B 60 6.34 5.10 24.63
C PRO B 60 7.52 5.98 24.29
N LEU B 61 8.60 5.38 23.79
CA LEU B 61 9.78 6.18 23.34
C LEU B 61 10.54 5.43 22.24
N VAL B 62 10.65 6.04 21.06
CA VAL B 62 11.33 5.35 19.92
C VAL B 62 12.74 5.91 19.78
N VAL B 63 13.74 5.03 19.65
CA VAL B 63 15.11 5.49 19.48
C VAL B 63 15.71 4.85 18.22
N ILE B 64 16.46 5.66 17.48
CA ILE B 64 17.06 5.29 16.20
C ILE B 64 18.57 5.27 16.41
N LEU B 65 19.23 4.20 15.98
CA LEU B 65 20.69 4.18 15.95
C LEU B 65 21.17 3.82 14.56
N VAL B 66 22.08 4.64 14.04
CA VAL B 66 22.62 4.51 12.70
C VAL B 66 24.13 4.34 12.79
N TYR B 67 24.68 3.58 11.85
CA TYR B 67 26.12 3.41 11.70
C TYR B 67 26.49 3.81 10.28
N LEU B 68 27.19 4.94 10.13
CA LEU B 68 27.35 5.57 8.83
C LEU B 68 28.81 5.90 8.57
N LEU B 69 29.19 5.90 7.30
CA LEU B 69 30.57 6.12 6.90
C LEU B 69 30.88 7.60 6.73
N GLU B 70 32.12 7.96 7.03
CA GLU B 70 32.53 9.36 6.98
C GLU B 70 32.56 9.86 5.54
N GLY B 71 32.97 11.12 5.38
CA GLY B 71 32.91 11.78 4.10
C GLY B 71 31.61 12.49 3.81
N LEU B 72 30.61 12.33 4.68
CA LEU B 72 29.35 13.03 4.53
C LEU B 72 29.44 14.37 5.24
N SER B 73 29.12 15.44 4.51
CA SER B 73 29.17 16.76 5.09
C SER B 73 28.10 16.91 6.17
N PRO B 74 28.29 17.84 7.11
CA PRO B 74 27.28 18.01 8.17
C PRO B 74 25.90 18.33 7.65
N GLU B 75 25.77 19.06 6.54
CA GLU B 75 24.45 19.44 6.06
C GLU B 75 23.66 18.21 5.63
N GLN B 76 24.29 17.28 4.92
CA GLN B 76 23.57 16.08 4.53
C GLN B 76 23.34 15.17 5.74
N LYS B 77 24.21 15.21 6.74
CA LYS B 77 23.94 14.49 7.97
C LYS B 77 22.66 15.02 8.62
N ALA B 78 22.52 16.34 8.65
CA ALA B 78 21.29 16.94 9.19
C ALA B 78 20.09 16.57 8.33
N ALA B 79 20.27 16.51 7.01
CA ALA B 79 19.19 16.10 6.13
C ALA B 79 18.74 14.68 6.44
N LEU B 80 19.70 13.76 6.62
CA LEU B 80 19.37 12.40 7.04
C LEU B 80 18.62 12.40 8.37
N VAL B 81 19.10 13.18 9.34
CA VAL B 81 18.45 13.20 10.65
C VAL B 81 17.01 13.66 10.53
N LYS B 82 16.79 14.77 9.81
CA LYS B 82 15.44 15.30 9.66
C LYS B 82 14.54 14.32 8.92
N ALA B 83 15.06 13.71 7.84
CA ALA B 83 14.25 12.77 7.09
C ALA B 83 13.85 11.57 7.93
N LEU B 84 14.80 11.02 8.69
CA LEU B 84 14.49 9.89 9.55
C LEU B 84 13.45 10.26 10.60
N THR B 85 13.62 11.42 11.22
CA THR B 85 12.69 11.86 12.26
C THR B 85 11.28 11.98 11.68
N ALA B 86 11.15 12.71 10.58
CA ALA B 86 9.83 12.92 9.99
C ALA B 86 9.23 11.60 9.53
N ALA B 87 10.04 10.72 8.94
CA ALA B 87 9.53 9.45 8.45
C ALA B 87 8.98 8.62 9.59
N ALA B 88 9.75 8.47 10.67
CA ALA B 88 9.27 7.69 11.81
C ALA B 88 8.01 8.30 12.41
N ALA B 89 8.01 9.63 12.59
CA ALA B 89 6.90 10.30 13.23
C ALA B 89 5.61 10.11 12.43
N GLU B 90 5.69 10.29 11.12
CA GLU B 90 4.51 10.08 10.30
C GLU B 90 4.13 8.61 10.24
N ALA B 91 5.12 7.71 10.30
CA ALA B 91 4.84 6.29 10.21
C ALA B 91 4.03 5.80 11.41
N LEU B 92 4.36 6.26 12.61
CA LEU B 92 3.65 5.79 13.79
C LEU B 92 2.86 6.87 14.52
N GLY B 93 2.77 8.06 13.96
CA GLY B 93 1.90 9.08 14.52
C GLY B 93 2.24 9.53 15.92
N VAL B 94 3.47 9.32 16.36
CA VAL B 94 3.91 9.74 17.68
C VAL B 94 4.65 11.06 17.53
N ASP B 95 4.50 11.94 18.53
CA ASP B 95 5.10 13.25 18.44
C ASP B 95 6.63 13.15 18.32
N PRO B 96 7.26 14.07 17.59
CA PRO B 96 8.71 13.99 17.41
C PRO B 96 9.50 14.07 18.71
N GLU B 97 8.94 14.67 19.77
CA GLU B 97 9.64 14.67 21.04
C GLU B 97 9.84 13.26 21.59
N ASN B 98 9.09 12.27 21.10
CA ASN B 98 9.29 10.91 21.56
C ASN B 98 10.21 10.10 20.66
N ILE B 99 10.79 10.70 19.63
CA ILE B 99 11.75 10.03 18.77
C ILE B 99 13.11 10.65 18.99
N ARG B 100 14.06 9.86 19.47
CA ARG B 100 15.44 10.28 19.60
C ARG B 100 16.26 9.54 18.56
N VAL B 101 16.93 10.29 17.69
CA VAL B 101 17.70 9.71 16.60
C VAL B 101 19.18 9.98 16.88
N ILE B 102 20.01 8.96 16.70
CA ILE B 102 21.43 9.05 16.96
C ILE B 102 22.17 8.20 15.94
N LEU B 103 23.32 8.69 15.49
CA LEU B 103 24.14 8.00 14.52
C LEU B 103 25.60 8.03 14.96
N VAL B 104 26.39 7.14 14.39
CA VAL B 104 27.81 7.01 14.74
C VAL B 104 28.64 6.91 13.47
N PRO B 105 29.69 7.71 13.34
CA PRO B 105 30.59 7.56 12.20
C PRO B 105 31.54 6.39 12.37
N VAL B 106 31.27 5.32 11.64
CA VAL B 106 32.11 4.13 11.68
C VAL B 106 33.41 4.46 10.95
N PRO B 107 34.55 4.34 11.60
CA PRO B 107 35.80 4.75 10.97
C PRO B 107 36.05 3.96 9.69
N PRO B 108 36.72 4.56 8.72
CA PRO B 108 36.98 3.83 7.47
C PRO B 108 37.78 2.56 7.66
N GLU B 109 38.69 2.54 8.63
CA GLU B 109 39.46 1.34 8.94
C GLU B 109 38.64 0.34 9.75
N ASN B 110 37.37 0.62 9.96
CA ASN B 110 36.56 -0.12 10.91
C ASN B 110 35.37 -0.83 10.28
N PHE B 111 34.78 -0.26 9.23
CA PHE B 111 33.48 -0.73 8.73
C PHE B 111 33.66 -1.98 7.89
#